data_7SKQ
#
_entry.id   7SKQ
#
_cell.length_a   67.385
_cell.length_b   67.167
_cell.length_c   165.309
_cell.angle_alpha   90.000
_cell.angle_beta   90.000
_cell.angle_gamma   90.000
#
_symmetry.space_group_name_H-M   'P 2 21 21'
#
loop_
_entity.id
_entity.type
_entity.pdbx_description
1 polymer '3C-like proteinase'
2 non-polymer 'ZINC ION'
3 non-polymer 5-amino-2-methyl-N-[(1R)-1-naphthalen-1-ylethyl]benzamide
4 water water
#
_entity_poly.entity_id   1
_entity_poly.type   'polypeptide(L)'
_entity_poly.pdbx_seq_one_letter_code
;GSHMEVKTIKVFTTVDNTNLHTQLVDMSMTYGQHFGPTYLDGADVTKVKPHVNHEGKTFFVLPSDDTLRSEAFEYYHTLD
ESFLGRYMSALNHTKKWKFPQVGGLTSIKWADNN(OCS)YLSSVLLALQQIEVKFNAPALQEAYYRARAGDAANFCALIL
AYSNKTVGELGDVRETMTHLLQHANLESAKRVLNLVCKHCGQKTTTLMGVEAVMYMGTLSYDELKAGVSIPCVCGRDATQ
YLVQQESSFVMMSAPPAEYKLQQGTFLCANEYTGNYQCGHYTHITAKETLYRIDGAHLTKMSEYKGPVTDVFYKETSYTT
TIK
;
_entity_poly.pdbx_strand_id   A,B
#
loop_
_chem_comp.id
_chem_comp.type
_chem_comp.name
_chem_comp.formula
TTT non-polymer 5-amino-2-methyl-N-[(1R)-1-naphthalen-1-ylethyl]benzamide 'C20 H20 N2 O'
ZN non-polymer 'ZINC ION' 'Zn 2'
#
# COMPACT_ATOMS: atom_id res chain seq x y z
N VAL A 6 3.73 17.56 -29.12
CA VAL A 6 2.78 16.48 -28.85
C VAL A 6 3.06 15.87 -27.48
N LYS A 7 1.99 15.55 -26.76
CA LYS A 7 2.12 14.99 -25.42
C LYS A 7 2.77 13.61 -25.47
N THR A 8 3.79 13.41 -24.65
CA THR A 8 4.55 12.16 -24.61
C THR A 8 4.74 11.74 -23.16
N ILE A 9 5.24 10.52 -22.98
CA ILE A 9 5.57 9.99 -21.66
C ILE A 9 6.53 8.83 -21.86
N LYS A 10 7.30 8.50 -20.82
CA LYS A 10 8.30 7.45 -20.87
C LYS A 10 7.81 6.28 -20.01
N VAL A 11 7.32 5.23 -20.67
CA VAL A 11 6.82 4.04 -20.01
C VAL A 11 7.59 2.83 -20.55
N PHE A 12 7.80 1.85 -19.67
CA PHE A 12 8.44 0.61 -20.02
C PHE A 12 7.37 -0.46 -20.26
N THR A 13 7.62 -1.33 -21.23
CA THR A 13 6.71 -2.43 -21.53
C THR A 13 7.52 -3.71 -21.66
N THR A 14 7.01 -4.79 -21.07
CA THR A 14 7.69 -6.08 -21.05
C THR A 14 6.78 -7.18 -21.58
N VAL A 15 7.39 -8.19 -22.16
CA VAL A 15 6.72 -9.42 -22.55
C VAL A 15 7.23 -10.62 -21.77
N ASP A 16 8.25 -10.45 -20.93
CA ASP A 16 8.85 -11.54 -20.19
C ASP A 16 8.93 -11.28 -18.68
N ASN A 17 8.49 -10.11 -18.22
CA ASN A 17 8.57 -9.71 -16.81
C ASN A 17 10.00 -9.65 -16.30
N THR A 18 10.98 -9.54 -17.21
CA THR A 18 12.39 -9.43 -16.82
C THR A 18 13.08 -8.43 -17.75
N ASN A 19 12.74 -8.47 -19.03
CA ASN A 19 13.31 -7.58 -20.04
C ASN A 19 12.33 -6.45 -20.34
N LEU A 20 12.81 -5.22 -20.21
CA LEU A 20 11.99 -4.03 -20.43
C LEU A 20 12.27 -3.44 -21.80
N HIS A 21 11.24 -2.80 -22.38
CA HIS A 21 11.36 -2.09 -23.65
C HIS A 21 11.04 -0.63 -23.39
N THR A 22 12.06 0.23 -23.51
CA THR A 22 11.83 1.67 -23.36
C THR A 22 10.96 2.16 -24.51
N GLN A 23 9.83 2.79 -24.18
CA GLN A 23 8.87 3.19 -25.18
C GLN A 23 8.36 4.59 -24.86
N LEU A 24 7.94 5.30 -25.92
CA LEU A 24 7.30 6.60 -25.82
C LEU A 24 5.90 6.45 -26.40
N VAL A 25 4.90 6.91 -25.65
CA VAL A 25 3.52 6.80 -26.12
C VAL A 25 2.98 8.20 -26.36
N ASP A 26 2.00 8.28 -27.26
CA ASP A 26 1.31 9.51 -27.58
C ASP A 26 0.00 9.53 -26.79
N MET A 27 -0.12 10.50 -25.88
CA MET A 27 -1.36 10.64 -25.13
C MET A 27 -2.49 11.03 -26.08
N SER A 28 -3.72 10.97 -25.56
CA SER A 28 -4.98 11.05 -26.30
C SER A 28 -5.23 9.82 -27.16
N MET A 29 -4.30 8.87 -27.19
CA MET A 29 -4.47 7.63 -27.95
C MET A 29 -4.41 6.47 -26.97
N THR A 30 -5.28 5.48 -27.19
CA THR A 30 -5.44 4.37 -26.26
C THR A 30 -4.17 3.51 -26.19
N TYR A 31 -3.96 2.90 -25.01
CA TYR A 31 -2.85 1.95 -24.86
C TYR A 31 -2.98 0.78 -25.82
N GLY A 32 -4.21 0.37 -26.13
CA GLY A 32 -4.43 -0.69 -27.09
C GLY A 32 -4.01 -0.34 -28.50
N GLN A 33 -3.90 0.95 -28.81
CA GLN A 33 -3.45 1.38 -30.11
C GLN A 33 -1.94 1.42 -30.23
N HIS A 34 -1.22 1.38 -29.12
CA HIS A 34 0.24 1.43 -29.15
C HIS A 34 0.86 0.04 -29.29
N PHE A 35 0.48 -0.90 -28.41
CA PHE A 35 1.05 -2.23 -28.44
C PHE A 35 0.01 -3.33 -28.25
N GLY A 36 -1.27 -3.03 -28.40
CA GLY A 36 -2.32 -4.01 -28.20
C GLY A 36 -2.70 -4.19 -26.76
N PRO A 37 -3.07 -5.41 -26.38
CA PRO A 37 -3.46 -5.68 -24.99
C PRO A 37 -2.36 -5.33 -24.00
N THR A 38 -2.67 -4.41 -23.09
CA THR A 38 -1.74 -3.89 -22.10
C THR A 38 -2.31 -4.07 -20.70
N TYR A 39 -1.45 -4.42 -19.75
CA TYR A 39 -1.90 -4.67 -18.39
C TYR A 39 -0.90 -4.05 -17.41
N LEU A 40 -1.43 -3.46 -16.34
CA LEU A 40 -0.62 -2.78 -15.34
C LEU A 40 -1.10 -3.16 -13.95
N ASP A 41 -0.22 -3.78 -13.16
CA ASP A 41 -0.48 -4.10 -11.75
C ASP A 41 -1.77 -4.91 -11.59
N GLY A 42 -2.01 -5.83 -12.50
CA GLY A 42 -3.18 -6.69 -12.40
C GLY A 42 -4.47 -6.06 -12.89
N ALA A 43 -4.40 -5.04 -13.72
CA ALA A 43 -5.58 -4.36 -14.24
C ALA A 43 -5.53 -4.32 -15.76
N ASP A 44 -6.65 -4.69 -16.38
CA ASP A 44 -6.77 -4.64 -17.84
C ASP A 44 -6.82 -3.17 -18.27
N VAL A 45 -5.68 -2.65 -18.73
CA VAL A 45 -5.57 -1.24 -19.09
C VAL A 45 -5.33 -1.15 -20.60
N THR A 46 -6.21 -1.79 -21.38
CA THR A 46 -6.11 -1.78 -22.83
C THR A 46 -6.99 -0.72 -23.48
N LYS A 47 -7.89 -0.10 -22.73
CA LYS A 47 -8.78 0.93 -23.27
C LYS A 47 -8.61 2.28 -22.57
N VAL A 48 -7.64 2.39 -21.67
CA VAL A 48 -7.40 3.63 -20.94
C VAL A 48 -6.36 4.45 -21.68
N LYS A 49 -6.56 5.77 -21.73
CA LYS A 49 -5.55 6.63 -22.32
C LYS A 49 -4.46 6.92 -21.30
N PRO A 50 -3.22 7.10 -21.75
CA PRO A 50 -2.10 7.32 -20.81
C PRO A 50 -2.33 8.56 -19.96
N HIS A 51 -2.17 8.39 -18.65
CA HIS A 51 -2.31 9.46 -17.69
C HIS A 51 -0.94 9.94 -17.23
N VAL A 52 -0.91 11.14 -16.64
CA VAL A 52 0.36 11.72 -16.20
C VAL A 52 1.00 10.83 -15.14
N ASN A 53 0.20 10.24 -14.26
CA ASN A 53 0.71 9.42 -13.16
C ASN A 53 1.08 8.01 -13.60
N HIS A 54 1.38 7.81 -14.89
CA HIS A 54 1.79 6.52 -15.41
C HIS A 54 3.25 6.49 -15.84
N GLU A 55 4.01 7.54 -15.53
CA GLU A 55 5.40 7.60 -15.97
C GLU A 55 6.27 6.64 -15.18
N GLY A 56 7.29 6.10 -15.85
CA GLY A 56 8.26 5.24 -15.20
C GLY A 56 7.75 3.87 -14.81
N LYS A 57 6.48 3.57 -15.03
CA LYS A 57 5.91 2.29 -14.67
C LYS A 57 6.10 1.27 -15.79
N THR A 58 6.13 -0.01 -15.39
CA THR A 58 6.33 -1.11 -16.31
C THR A 58 4.99 -1.73 -16.65
N PHE A 59 4.67 -1.79 -17.94
CA PHE A 59 3.43 -2.39 -18.42
C PHE A 59 3.73 -3.75 -19.05
N PHE A 60 2.76 -4.65 -18.93
CA PHE A 60 2.87 -5.97 -19.55
C PHE A 60 2.05 -6.00 -20.83
N VAL A 61 2.61 -6.63 -21.86
CA VAL A 61 1.95 -6.73 -23.15
C VAL A 61 1.72 -8.21 -23.45
N LEU A 62 0.55 -8.52 -23.98
CA LEU A 62 0.14 -9.90 -24.25
C LEU A 62 -0.52 -9.96 -25.61
N PRO A 63 0.17 -10.46 -26.63
CA PRO A 63 -0.45 -10.57 -27.95
C PRO A 63 -1.67 -11.50 -27.92
N SER A 64 -2.71 -11.12 -28.65
CA SER A 64 -3.89 -11.97 -28.74
C SER A 64 -3.60 -13.24 -29.53
N ASP A 65 -2.63 -13.20 -30.44
CA ASP A 65 -2.21 -14.38 -31.18
C ASP A 65 -1.29 -15.29 -30.38
N ASP A 66 -0.81 -14.83 -29.22
CA ASP A 66 0.14 -15.62 -28.45
C ASP A 66 -0.50 -16.90 -27.96
N THR A 67 0.28 -17.99 -27.97
CA THR A 67 -0.22 -19.29 -27.54
C THR A 67 -0.45 -19.37 -26.03
N LEU A 68 0.08 -18.41 -25.25
CA LEU A 68 -0.18 -18.42 -23.81
C LEU A 68 -1.64 -18.17 -23.51
N ARG A 69 -2.33 -17.41 -24.37
CA ARG A 69 -3.76 -17.21 -24.20
C ARG A 69 -4.54 -18.48 -24.55
N SER A 70 -3.97 -19.34 -25.39
CA SER A 70 -4.67 -20.56 -25.81
C SER A 70 -4.83 -21.52 -24.63
N GLU A 71 -3.72 -22.01 -24.09
CA GLU A 71 -3.77 -22.99 -23.01
C GLU A 71 -3.94 -22.32 -21.66
N ALA A 72 -4.94 -21.44 -21.55
CA ALA A 72 -5.18 -20.70 -20.31
C ALA A 72 -6.18 -21.40 -19.41
N PHE A 73 -7.21 -22.02 -19.99
CA PHE A 73 -8.26 -22.64 -19.18
C PHE A 73 -7.73 -23.84 -18.40
N GLU A 74 -7.23 -24.85 -19.10
CA GLU A 74 -6.82 -26.09 -18.46
C GLU A 74 -5.77 -25.87 -17.38
N TYR A 75 -5.01 -24.78 -17.45
CA TYR A 75 -3.98 -24.52 -16.47
C TYR A 75 -4.47 -23.66 -15.31
N TYR A 76 -5.38 -22.71 -15.57
CA TYR A 76 -5.86 -21.79 -14.56
C TYR A 76 -7.32 -21.97 -14.19
N HIS A 77 -8.06 -22.79 -14.94
CA HIS A 77 -9.48 -23.07 -14.66
C HIS A 77 -10.30 -21.77 -14.64
N THR A 78 -10.13 -20.98 -15.68
CA THR A 78 -10.88 -19.73 -15.81
C THR A 78 -11.15 -19.46 -17.29
N LEU A 79 -12.20 -18.68 -17.54
CA LEU A 79 -12.60 -18.33 -18.89
C LEU A 79 -12.38 -16.85 -19.20
N ASP A 80 -11.88 -16.07 -18.25
CA ASP A 80 -11.63 -14.66 -18.50
C ASP A 80 -10.40 -14.49 -19.39
N GLU A 81 -10.57 -13.78 -20.50
CA GLU A 81 -9.45 -13.59 -21.43
C GLU A 81 -8.40 -12.65 -20.84
N SER A 82 -8.81 -11.75 -19.94
CA SER A 82 -7.89 -10.82 -19.31
C SER A 82 -7.15 -11.42 -18.13
N PHE A 83 -7.38 -12.70 -17.81
CA PHE A 83 -6.77 -13.30 -16.63
C PHE A 83 -5.25 -13.38 -16.78
N LEU A 84 -4.79 -13.87 -17.92
CA LEU A 84 -3.35 -14.05 -18.12
C LEU A 84 -2.60 -12.72 -18.01
N GLY A 85 -3.14 -11.68 -18.65
CA GLY A 85 -2.50 -10.37 -18.57
C GLY A 85 -2.53 -9.78 -17.17
N ARG A 86 -3.67 -9.88 -16.50
CA ARG A 86 -3.78 -9.37 -15.14
C ARG A 86 -2.86 -10.13 -14.18
N TYR A 87 -2.71 -11.43 -14.39
CA TYR A 87 -1.84 -12.23 -13.54
C TYR A 87 -0.37 -11.91 -13.80
N MET A 88 0.01 -11.72 -15.07
CA MET A 88 1.40 -11.44 -15.40
C MET A 88 1.80 -10.01 -15.02
N SER A 89 0.89 -9.06 -15.15
CA SER A 89 1.22 -7.67 -14.79
C SER A 89 1.36 -7.53 -13.28
N ALA A 90 0.48 -8.17 -12.51
CA ALA A 90 0.62 -8.15 -11.05
C ALA A 90 1.84 -8.95 -10.60
N LEU A 91 2.24 -9.95 -11.39
CA LEU A 91 3.44 -10.72 -11.05
C LEU A 91 4.69 -9.86 -11.10
N ASN A 92 4.74 -8.90 -12.02
CA ASN A 92 5.90 -8.01 -12.12
C ASN A 92 6.10 -7.22 -10.83
N HIS A 93 5.02 -6.88 -10.14
CA HIS A 93 5.12 -6.15 -8.88
C HIS A 93 5.31 -7.05 -7.68
N THR A 94 4.73 -8.26 -7.70
CA THR A 94 4.89 -9.17 -6.57
C THR A 94 6.28 -9.80 -6.51
N LYS A 95 7.03 -9.75 -7.61
CA LYS A 95 8.43 -10.19 -7.57
C LYS A 95 9.29 -9.28 -6.70
N LYS A 96 8.84 -8.04 -6.50
CA LYS A 96 9.57 -7.07 -5.69
C LYS A 96 9.35 -7.27 -4.20
N TRP A 97 8.35 -8.05 -3.81
CA TRP A 97 8.04 -8.24 -2.39
C TRP A 97 9.00 -9.23 -1.75
N LYS A 98 9.10 -9.14 -0.43
CA LYS A 98 9.90 -10.04 0.37
C LYS A 98 8.99 -11.03 1.08
N PHE A 99 9.42 -12.29 1.16
CA PHE A 99 8.65 -13.36 1.78
C PHE A 99 9.46 -13.96 2.92
N PRO A 100 9.44 -13.34 4.09
CA PRO A 100 10.22 -13.86 5.22
C PRO A 100 9.48 -14.98 5.95
N GLN A 101 10.23 -16.02 6.29
CA GLN A 101 9.69 -17.12 7.09
C GLN A 101 9.51 -16.64 8.53
N VAL A 102 8.27 -16.60 8.99
CA VAL A 102 7.94 -16.12 10.33
C VAL A 102 7.20 -17.22 11.07
N GLY A 103 7.78 -17.69 12.17
CA GLY A 103 7.16 -18.73 12.96
C GLY A 103 6.95 -20.03 12.24
N GLY A 104 7.86 -20.39 11.33
CA GLY A 104 7.70 -21.58 10.52
C GLY A 104 6.81 -21.41 9.31
N LEU A 105 6.06 -20.32 9.23
CA LEU A 105 5.16 -20.05 8.13
C LEU A 105 5.75 -18.95 7.24
N THR A 106 5.34 -18.96 5.97
CA THR A 106 5.80 -17.98 4.99
C THR A 106 4.87 -16.77 5.02
N SER A 107 5.44 -15.59 5.26
CA SER A 107 4.69 -14.34 5.32
C SER A 107 5.20 -13.40 4.23
N ILE A 108 4.74 -12.15 4.28
CA ILE A 108 5.10 -11.14 3.30
C ILE A 108 5.42 -9.84 4.03
N LYS A 109 6.48 -9.16 3.59
CA LYS A 109 6.80 -7.85 4.11
C LYS A 109 5.82 -6.81 3.57
N TRP A 110 5.51 -5.81 4.39
CA TRP A 110 4.50 -4.83 4.05
C TRP A 110 4.86 -4.08 2.77
N ALA A 111 3.95 -4.11 1.80
CA ALA A 111 4.12 -3.38 0.55
C ALA A 111 2.82 -3.35 -0.24
N ASP A 112 2.36 -2.15 -0.59
CA ASP A 112 1.18 -1.99 -1.44
C ASP A 112 -0.07 -2.61 -0.81
N ASN A 113 -0.24 -2.38 0.50
CA ASN A 113 -1.44 -2.80 1.22
C ASN A 113 -1.69 -4.30 1.09
N ASN A 114 -0.62 -5.09 1.20
CA ASN A 114 -0.75 -6.54 1.16
C ASN A 114 -1.01 -7.09 2.55
N OCS A 115 -1.63 -6.28 3.40
CA OCS A 115 -1.96 -6.66 4.76
CB OCS A 115 -2.62 -5.50 5.53
SG OCS A 115 -1.67 -3.96 5.55
C OCS A 115 -2.90 -7.86 4.76
O OCS A 115 -2.83 -8.72 5.65
OD1 OCS A 115 -0.32 -4.22 5.88
OD2 OCS A 115 -2.22 -3.08 6.51
OD3 OCS A 115 -1.72 -3.35 4.28
N TYR A 116 -3.76 -7.93 3.75
CA TYR A 116 -4.75 -9.01 3.65
C TYR A 116 -4.20 -10.22 2.90
N LEU A 117 -3.35 -9.98 1.90
CA LEU A 117 -2.77 -11.07 1.13
C LEU A 117 -1.91 -11.97 2.02
N SER A 118 -1.17 -11.38 2.94
CA SER A 118 -0.38 -12.17 3.89
C SER A 118 -1.28 -13.01 4.79
N SER A 119 -2.36 -12.41 5.30
CA SER A 119 -3.27 -13.12 6.19
C SER A 119 -3.91 -14.31 5.49
N VAL A 120 -4.21 -14.17 4.20
CA VAL A 120 -4.79 -15.29 3.45
C VAL A 120 -3.74 -16.38 3.25
N LEU A 121 -2.52 -15.98 2.89
CA LEU A 121 -1.45 -16.97 2.69
C LEU A 121 -1.12 -17.69 3.98
N LEU A 122 -1.15 -16.97 5.10
CA LEU A 122 -0.84 -17.59 6.39
C LEU A 122 -1.93 -18.58 6.81
N ALA A 123 -3.18 -18.28 6.50
CA ALA A 123 -4.27 -19.17 6.88
C ALA A 123 -4.27 -20.46 6.05
N LEU A 124 -3.89 -20.36 4.78
CA LEU A 124 -3.90 -21.54 3.92
C LEU A 124 -2.82 -22.55 4.32
N GLN A 125 -1.72 -22.07 4.92
CA GLN A 125 -0.65 -22.99 5.29
C GLN A 125 -1.03 -23.89 6.46
N GLN A 126 -2.07 -23.54 7.22
CA GLN A 126 -2.46 -24.34 8.37
C GLN A 126 -3.68 -25.22 8.13
N ILE A 127 -4.53 -24.87 7.17
CA ILE A 127 -5.70 -25.69 6.85
C ILE A 127 -5.29 -26.71 5.79
N GLU A 128 -5.87 -27.91 5.89
CA GLU A 128 -5.60 -28.98 4.92
C GLU A 128 -6.52 -28.77 3.72
N VAL A 129 -6.02 -28.03 2.74
CA VAL A 129 -6.80 -27.65 1.56
C VAL A 129 -6.00 -27.99 0.31
N LYS A 130 -6.72 -28.25 -0.78
CA LYS A 130 -6.11 -28.56 -2.07
C LYS A 130 -6.88 -27.84 -3.16
N PHE A 131 -6.16 -27.38 -4.19
CA PHE A 131 -6.74 -26.62 -5.28
C PHE A 131 -6.85 -27.50 -6.52
N ASN A 132 -7.99 -27.38 -7.22
CA ASN A 132 -8.18 -28.17 -8.44
C ASN A 132 -7.35 -27.64 -9.60
N ALA A 133 -7.15 -26.31 -9.67
CA ALA A 133 -6.37 -25.74 -10.76
C ALA A 133 -4.91 -26.15 -10.62
N PRO A 134 -4.28 -26.65 -11.69
CA PRO A 134 -2.87 -27.05 -11.58
C PRO A 134 -1.94 -25.88 -11.28
N ALA A 135 -2.25 -24.68 -11.79
CA ALA A 135 -1.39 -23.54 -11.53
C ALA A 135 -1.39 -23.16 -10.06
N LEU A 136 -2.56 -23.22 -9.41
CA LEU A 136 -2.62 -22.90 -7.98
C LEU A 136 -1.83 -23.91 -7.15
N GLN A 137 -1.99 -25.21 -7.44
CA GLN A 137 -1.27 -26.22 -6.67
C GLN A 137 0.24 -26.07 -6.84
N GLU A 138 0.69 -25.70 -8.04
CA GLU A 138 2.12 -25.45 -8.24
C GLU A 138 2.56 -24.22 -7.45
N ALA A 139 1.79 -23.13 -7.54
CA ALA A 139 2.16 -21.91 -6.83
C ALA A 139 1.97 -22.05 -5.33
N TYR A 140 0.97 -22.81 -4.90
CA TYR A 140 0.74 -23.01 -3.47
C TYR A 140 1.90 -23.77 -2.84
N TYR A 141 2.41 -24.80 -3.54
CA TYR A 141 3.59 -25.51 -3.07
C TYR A 141 4.79 -24.58 -2.95
N ARG A 142 5.09 -23.84 -4.03
CA ARG A 142 6.22 -22.92 -4.00
C ARG A 142 6.03 -21.80 -2.98
N ALA A 143 4.77 -21.44 -2.71
CA ALA A 143 4.51 -20.42 -1.70
C ALA A 143 4.86 -20.91 -0.31
N ARG A 144 4.76 -22.22 -0.07
CA ARG A 144 5.14 -22.78 1.21
C ARG A 144 6.66 -22.88 1.38
N ALA A 145 7.39 -23.05 0.26
CA ALA A 145 8.84 -23.10 0.32
C ALA A 145 9.48 -21.74 0.50
N GLY A 146 8.75 -20.66 0.25
CA GLY A 146 9.27 -19.32 0.43
C GLY A 146 9.14 -18.44 -0.80
N ASP A 147 8.91 -19.05 -1.96
CA ASP A 147 8.77 -18.33 -3.22
C ASP A 147 7.26 -18.21 -3.49
N ALA A 148 6.67 -17.13 -2.98
CA ALA A 148 5.22 -16.93 -3.04
C ALA A 148 4.83 -15.79 -3.98
N ALA A 149 5.73 -15.38 -4.89
CA ALA A 149 5.40 -14.30 -5.80
C ALA A 149 4.32 -14.72 -6.80
N ASN A 150 4.39 -15.96 -7.29
CA ASN A 150 3.38 -16.42 -8.24
C ASN A 150 2.03 -16.66 -7.56
N PHE A 151 2.05 -17.10 -6.30
CA PHE A 151 0.80 -17.36 -5.60
C PHE A 151 0.05 -16.08 -5.31
N CYS A 152 0.77 -15.02 -4.92
CA CYS A 152 0.12 -13.75 -4.64
C CYS A 152 -0.45 -13.12 -5.91
N ALA A 153 0.26 -13.27 -7.03
CA ALA A 153 -0.25 -12.74 -8.29
C ALA A 153 -1.51 -13.47 -8.74
N LEU A 154 -1.59 -14.77 -8.49
CA LEU A 154 -2.79 -15.53 -8.84
C LEU A 154 -3.97 -15.09 -7.99
N ILE A 155 -3.73 -14.82 -6.71
CA ILE A 155 -4.81 -14.40 -5.82
C ILE A 155 -5.40 -13.08 -6.29
N LEU A 156 -4.54 -12.13 -6.69
CA LEU A 156 -5.04 -10.86 -7.19
C LEU A 156 -5.80 -11.03 -8.50
N ALA A 157 -5.42 -12.02 -9.31
CA ALA A 157 -6.13 -12.26 -10.56
C ALA A 157 -7.46 -12.95 -10.32
N TYR A 158 -7.47 -13.98 -9.47
CA TYR A 158 -8.72 -14.66 -9.15
C TYR A 158 -9.69 -13.79 -8.37
N SER A 159 -9.20 -12.72 -7.74
CA SER A 159 -10.05 -11.82 -6.97
C SER A 159 -10.34 -10.51 -7.71
N ASN A 160 -9.82 -10.36 -8.92
CA ASN A 160 -9.99 -9.14 -9.73
C ASN A 160 -9.59 -7.90 -8.94
N LYS A 161 -8.40 -7.96 -8.36
CA LYS A 161 -7.84 -6.86 -7.58
C LYS A 161 -6.60 -6.31 -8.27
N THR A 162 -6.16 -5.15 -7.79
CA THR A 162 -5.01 -4.45 -8.33
C THR A 162 -3.99 -4.27 -7.21
N VAL A 163 -2.71 -4.35 -7.55
CA VAL A 163 -1.65 -4.17 -6.56
C VAL A 163 -1.77 -2.80 -5.94
N GLY A 164 -1.77 -2.74 -4.61
CA GLY A 164 -1.92 -1.50 -3.88
C GLY A 164 -3.28 -1.30 -3.24
N GLU A 165 -4.31 -1.97 -3.76
CA GLU A 165 -5.66 -1.82 -3.25
C GLU A 165 -5.92 -2.80 -2.11
N LEU A 166 -6.44 -2.29 -0.99
CA LEU A 166 -6.73 -3.14 0.15
C LEU A 166 -7.93 -4.03 -0.16
N GLY A 167 -7.81 -5.31 0.18
CA GLY A 167 -8.91 -6.24 -0.04
C GLY A 167 -9.39 -6.90 1.24
N ASP A 168 -10.59 -7.47 1.19
CA ASP A 168 -11.16 -8.16 2.34
C ASP A 168 -10.69 -9.60 2.33
N VAL A 169 -10.36 -10.13 3.52
CA VAL A 169 -9.86 -11.50 3.61
C VAL A 169 -10.97 -12.49 3.31
N ARG A 170 -12.15 -12.29 3.90
CA ARG A 170 -13.26 -13.21 3.67
C ARG A 170 -13.67 -13.20 2.20
N GLU A 171 -13.72 -12.02 1.59
CA GLU A 171 -14.07 -11.92 0.18
C GLU A 171 -13.00 -12.58 -0.69
N THR A 172 -11.73 -12.37 -0.35
CA THR A 172 -10.65 -12.95 -1.15
C THR A 172 -10.57 -14.46 -0.98
N MET A 173 -10.88 -14.97 0.21
CA MET A 173 -10.92 -16.42 0.40
C MET A 173 -12.09 -17.04 -0.33
N THR A 174 -13.19 -16.30 -0.51
CA THR A 174 -14.35 -16.83 -1.21
C THR A 174 -14.04 -17.07 -2.68
N HIS A 175 -13.47 -16.07 -3.35
CA HIS A 175 -13.07 -16.24 -4.74
C HIS A 175 -12.02 -17.33 -4.89
N LEU A 176 -11.14 -17.49 -3.89
CA LEU A 176 -10.06 -18.46 -3.98
C LEU A 176 -10.57 -19.89 -3.77
N LEU A 177 -11.43 -20.10 -2.77
CA LEU A 177 -11.93 -21.44 -2.49
C LEU A 177 -12.87 -21.95 -3.58
N GLN A 178 -13.27 -21.10 -4.53
CA GLN A 178 -14.05 -21.59 -5.66
C GLN A 178 -13.24 -22.54 -6.53
N HIS A 179 -11.91 -22.47 -6.45
CA HIS A 179 -11.04 -23.37 -7.19
C HIS A 179 -10.42 -24.45 -6.31
N ALA A 180 -10.84 -24.53 -5.05
CA ALA A 180 -10.31 -25.54 -4.14
C ALA A 180 -11.17 -26.80 -4.16
N ASN A 181 -10.60 -27.89 -3.68
CA ASN A 181 -11.27 -29.19 -3.64
C ASN A 181 -12.19 -29.22 -2.42
N LEU A 182 -13.43 -28.82 -2.62
CA LEU A 182 -14.44 -28.84 -1.57
C LEU A 182 -15.65 -29.66 -2.00
N GLU A 183 -15.42 -30.72 -2.78
CA GLU A 183 -16.51 -31.58 -3.23
C GLU A 183 -17.10 -32.38 -2.08
N SER A 184 -16.26 -32.84 -1.16
CA SER A 184 -16.70 -33.62 -0.01
C SER A 184 -17.10 -32.75 1.17
N ALA A 185 -17.16 -31.44 0.99
CA ALA A 185 -17.58 -30.54 2.06
C ALA A 185 -19.10 -30.53 2.16
N LYS A 186 -19.62 -30.74 3.36
CA LYS A 186 -21.06 -30.86 3.58
C LYS A 186 -21.44 -30.17 4.87
N ARG A 187 -22.45 -29.32 4.82
CA ARG A 187 -22.99 -28.63 5.99
C ARG A 187 -24.50 -28.76 6.00
N VAL A 188 -25.05 -29.24 7.11
CA VAL A 188 -26.48 -29.42 7.27
C VAL A 188 -26.95 -28.53 8.40
N LEU A 189 -27.85 -27.60 8.08
CA LEU A 189 -28.36 -26.63 9.04
C LEU A 189 -29.87 -26.81 9.18
N ASN A 190 -30.34 -26.85 10.43
CA ASN A 190 -31.78 -26.96 10.72
C ASN A 190 -32.27 -25.59 11.17
N LEU A 191 -33.15 -24.99 10.36
CA LEU A 191 -33.77 -23.72 10.66
C LEU A 191 -35.15 -23.96 11.24
N VAL A 192 -35.43 -23.35 12.39
CA VAL A 192 -36.67 -23.58 13.14
C VAL A 192 -37.39 -22.25 13.29
N CYS A 193 -38.36 -21.99 12.39
CA CYS A 193 -39.28 -20.87 12.52
C CYS A 193 -40.59 -21.36 13.09
N LYS A 194 -40.95 -20.91 14.30
CA LYS A 194 -42.08 -21.51 14.99
C LYS A 194 -43.42 -21.22 14.32
N HIS A 195 -43.47 -20.35 13.31
CA HIS A 195 -44.66 -20.14 12.52
C HIS A 195 -44.60 -20.85 11.17
N CYS A 196 -43.48 -21.50 10.85
CA CYS A 196 -43.36 -22.23 9.60
C CYS A 196 -42.79 -23.63 9.82
N GLY A 197 -42.76 -24.10 11.06
CA GLY A 197 -42.21 -25.42 11.31
C GLY A 197 -40.70 -25.40 11.36
N GLN A 198 -40.10 -26.49 10.92
CA GLN A 198 -38.65 -26.57 10.84
C GLN A 198 -38.28 -27.20 9.51
N LYS A 199 -37.27 -26.61 8.87
CA LYS A 199 -36.78 -27.07 7.58
C LYS A 199 -35.27 -27.21 7.65
N THR A 200 -34.73 -28.06 6.78
CA THR A 200 -33.32 -28.39 6.77
C THR A 200 -32.74 -27.99 5.43
N THR A 201 -31.77 -27.08 5.45
CA THR A 201 -31.05 -26.68 4.25
C THR A 201 -29.72 -27.40 4.19
N THR A 202 -29.18 -27.50 2.98
CA THR A 202 -27.92 -28.20 2.76
C THR A 202 -27.02 -27.32 1.89
N LEU A 203 -25.85 -26.99 2.41
CA LEU A 203 -24.84 -26.24 1.68
C LEU A 203 -23.70 -27.17 1.32
N MET A 204 -23.05 -26.90 0.20
CA MET A 204 -21.95 -27.73 -0.28
C MET A 204 -20.92 -26.84 -0.94
N GLY A 205 -19.64 -27.16 -0.72
CA GLY A 205 -18.56 -26.37 -1.28
C GLY A 205 -18.13 -25.26 -0.35
N VAL A 206 -17.93 -24.05 -0.90
CA VAL A 206 -17.50 -22.92 -0.09
C VAL A 206 -18.55 -22.56 0.95
N GLU A 207 -19.84 -22.72 0.59
CA GLU A 207 -20.90 -22.38 1.53
C GLU A 207 -20.93 -23.32 2.73
N ALA A 208 -20.40 -24.54 2.60
CA ALA A 208 -20.32 -25.47 3.71
C ALA A 208 -19.16 -25.16 4.65
N VAL A 209 -18.23 -24.31 4.24
CA VAL A 209 -17.06 -23.99 5.04
C VAL A 209 -17.20 -22.62 5.71
N MET A 210 -17.66 -21.62 4.96
CA MET A 210 -17.71 -20.26 5.46
C MET A 210 -19.06 -19.95 6.10
N TYR A 211 -19.05 -18.96 6.99
CA TYR A 211 -20.26 -18.43 7.60
C TYR A 211 -19.95 -17.01 8.08
N MET A 212 -20.97 -16.15 8.00
CA MET A 212 -20.83 -14.75 8.37
C MET A 212 -21.86 -14.42 9.44
N GLY A 213 -21.42 -13.76 10.51
CA GLY A 213 -22.31 -13.37 11.57
C GLY A 213 -21.72 -13.53 12.96
N THR A 214 -21.11 -14.68 13.21
CA THR A 214 -20.51 -14.97 14.52
C THR A 214 -19.10 -15.53 14.34
N LEU A 215 -18.28 -15.33 15.36
CA LEU A 215 -16.92 -15.85 15.38
C LEU A 215 -16.82 -17.21 16.06
N SER A 216 -17.83 -17.60 16.85
CA SER A 216 -17.76 -18.81 17.65
C SER A 216 -18.35 -19.99 16.89
N TYR A 217 -17.55 -21.04 16.74
CA TYR A 217 -18.06 -22.28 16.16
C TYR A 217 -19.08 -22.92 17.08
N ASP A 218 -18.87 -22.82 18.40
CA ASP A 218 -19.81 -23.38 19.36
C ASP A 218 -21.14 -22.63 19.36
N GLU A 219 -21.12 -21.33 19.03
CA GLU A 219 -22.36 -20.58 18.93
C GLU A 219 -23.20 -21.06 17.75
N LEU A 220 -22.54 -21.45 16.65
CA LEU A 220 -23.27 -22.02 15.52
C LEU A 220 -23.90 -23.35 15.91
N LYS A 221 -23.21 -24.13 16.75
CA LYS A 221 -23.73 -25.41 17.18
C LYS A 221 -24.93 -25.24 18.11
N ALA A 222 -24.96 -24.15 18.89
CA ALA A 222 -26.07 -23.92 19.82
C ALA A 222 -27.25 -23.30 19.11
N GLY A 223 -27.03 -22.26 18.32
CA GLY A 223 -28.11 -21.62 17.58
C GLY A 223 -27.92 -20.13 17.35
N VAL A 224 -28.10 -19.70 16.10
CA VAL A 224 -27.97 -18.31 15.71
C VAL A 224 -29.27 -17.88 15.02
N SER A 225 -29.50 -16.57 14.99
CA SER A 225 -30.71 -16.01 14.40
C SER A 225 -30.45 -15.63 12.95
N ILE A 226 -31.35 -16.02 12.06
CA ILE A 226 -31.25 -15.70 10.64
C ILE A 226 -32.67 -15.56 10.08
N PRO A 227 -32.94 -14.56 9.24
CA PRO A 227 -34.32 -14.36 8.75
C PRO A 227 -34.80 -15.53 7.90
N CYS A 228 -36.03 -15.97 8.19
CA CYS A 228 -36.70 -16.98 7.40
C CYS A 228 -37.21 -16.38 6.07
N VAL A 229 -37.64 -17.27 5.17
CA VAL A 229 -38.15 -16.82 3.88
C VAL A 229 -39.51 -16.13 4.05
N CYS A 230 -40.28 -16.53 5.05
CA CYS A 230 -41.59 -15.90 5.27
C CYS A 230 -41.43 -14.44 5.66
N GLY A 231 -40.42 -14.11 6.46
CA GLY A 231 -40.12 -12.74 6.77
C GLY A 231 -39.99 -12.42 8.24
N ARG A 232 -39.65 -13.42 9.05
CA ARG A 232 -39.48 -13.22 10.48
C ARG A 232 -38.24 -13.97 10.96
N ASP A 233 -37.78 -13.61 12.15
CA ASP A 233 -36.54 -14.16 12.67
C ASP A 233 -36.73 -15.61 13.06
N ALA A 234 -35.77 -16.46 12.70
CA ALA A 234 -35.77 -17.86 13.07
C ALA A 234 -34.40 -18.24 13.62
N THR A 235 -34.33 -19.39 14.27
CA THR A 235 -33.10 -19.90 14.85
C THR A 235 -32.62 -21.12 14.07
N GLN A 236 -31.32 -21.17 13.80
CA GLN A 236 -30.70 -22.27 13.08
C GLN A 236 -29.43 -22.71 13.79
N TYR A 237 -29.19 -24.02 13.78
CA TYR A 237 -28.03 -24.59 14.42
C TYR A 237 -27.41 -25.64 13.50
N LEU A 238 -26.14 -25.94 13.74
CA LEU A 238 -25.40 -26.88 12.91
C LEU A 238 -25.79 -28.32 13.26
N VAL A 239 -26.09 -29.10 12.25
CA VAL A 239 -26.48 -30.50 12.41
C VAL A 239 -25.35 -31.45 11.99
N GLN A 240 -24.82 -31.26 10.78
CA GLN A 240 -23.78 -32.12 10.25
C GLN A 240 -22.72 -31.25 9.58
N GLN A 241 -21.45 -31.59 9.82
CA GLN A 241 -20.33 -30.89 9.19
C GLN A 241 -19.32 -31.92 8.74
N GLU A 242 -19.11 -32.01 7.42
CA GLU A 242 -18.17 -32.96 6.83
C GLU A 242 -17.16 -32.17 6.00
N SER A 243 -16.23 -31.51 6.69
CA SER A 243 -15.21 -30.72 6.05
C SER A 243 -13.92 -30.86 6.83
N SER A 244 -12.83 -30.38 6.22
CA SER A 244 -11.52 -30.38 6.88
C SER A 244 -11.32 -29.17 7.77
N PHE A 245 -12.15 -28.13 7.63
CA PHE A 245 -12.04 -26.92 8.42
C PHE A 245 -13.29 -26.08 8.19
N VAL A 246 -13.50 -25.09 9.05
CA VAL A 246 -14.57 -24.13 8.90
C VAL A 246 -14.02 -22.73 9.14
N MET A 247 -14.59 -21.74 8.46
CA MET A 247 -14.17 -20.36 8.57
C MET A 247 -15.35 -19.52 9.06
N MET A 248 -15.24 -19.00 10.27
CA MET A 248 -16.25 -18.13 10.85
C MET A 248 -15.84 -16.67 10.64
N SER A 249 -16.81 -15.84 10.28
CA SER A 249 -16.54 -14.44 9.97
C SER A 249 -17.57 -13.54 10.66
N ALA A 250 -17.17 -12.30 10.89
CA ALA A 250 -17.98 -11.29 11.53
C ALA A 250 -17.27 -9.95 11.40
N PRO A 251 -18.00 -8.84 11.57
CA PRO A 251 -17.35 -7.52 11.61
C PRO A 251 -16.37 -7.42 12.76
N PRO A 252 -15.44 -6.47 12.72
CA PRO A 252 -14.45 -6.35 13.80
C PRO A 252 -15.13 -6.01 15.12
N ALA A 253 -14.78 -6.78 16.16
CA ALA A 253 -15.31 -6.55 17.49
C ALA A 253 -14.37 -7.18 18.52
N GLU A 254 -14.41 -6.64 19.74
CA GLU A 254 -13.59 -7.17 20.81
C GLU A 254 -13.97 -8.61 21.11
N TYR A 255 -12.96 -9.48 21.17
CA TYR A 255 -13.20 -10.91 21.30
C TYR A 255 -11.98 -11.56 21.92
N LYS A 256 -12.20 -12.38 22.94
CA LYS A 256 -11.11 -13.05 23.64
C LYS A 256 -10.72 -14.32 22.89
N LEU A 257 -9.42 -14.54 22.72
CA LEU A 257 -8.89 -15.70 22.02
C LEU A 257 -8.16 -16.58 23.02
N GLN A 258 -8.76 -17.71 23.36
CA GLN A 258 -8.16 -18.68 24.26
C GLN A 258 -7.38 -19.73 23.48
N GLN A 259 -6.24 -20.15 24.04
CA GLN A 259 -5.40 -21.13 23.37
C GLN A 259 -6.08 -22.50 23.39
N GLY A 260 -5.96 -23.22 22.27
CA GLY A 260 -6.53 -24.54 22.13
C GLY A 260 -7.95 -24.57 21.61
N THR A 261 -8.68 -23.45 21.69
CA THR A 261 -10.06 -23.42 21.22
C THR A 261 -10.19 -23.20 19.72
N PHE A 262 -9.16 -22.65 19.06
CA PHE A 262 -9.23 -22.34 17.65
C PHE A 262 -7.91 -22.72 16.99
N LEU A 263 -7.86 -22.58 15.66
CA LEU A 263 -6.66 -22.86 14.87
C LEU A 263 -5.87 -21.59 14.58
N CYS A 264 -6.48 -20.64 13.88
CA CYS A 264 -5.85 -19.36 13.59
C CYS A 264 -6.94 -18.30 13.45
N ALA A 265 -6.52 -17.04 13.37
CA ALA A 265 -7.45 -15.94 13.30
C ALA A 265 -6.79 -14.74 12.62
N ASN A 266 -7.62 -13.74 12.30
CA ASN A 266 -7.19 -12.51 11.66
C ASN A 266 -7.87 -11.32 12.32
N GLU A 267 -7.09 -10.27 12.56
CA GLU A 267 -7.53 -9.03 13.21
C GLU A 267 -7.54 -7.86 12.21
N TYR A 268 -8.45 -6.91 12.39
CA TYR A 268 -8.58 -5.78 11.46
C TYR A 268 -8.74 -4.52 12.30
N THR A 269 -7.73 -3.66 12.25
CA THR A 269 -7.76 -2.37 12.95
C THR A 269 -7.79 -1.27 11.90
N GLY A 270 -8.78 -0.38 11.99
CA GLY A 270 -8.93 0.72 11.07
C GLY A 270 -10.36 0.85 10.61
N ASN A 271 -10.58 1.88 9.79
CA ASN A 271 -11.91 2.15 9.27
C ASN A 271 -12.28 1.14 8.18
N TYR A 272 -13.49 1.29 7.65
CA TYR A 272 -13.95 0.42 6.58
C TYR A 272 -13.15 0.66 5.30
N GLN A 273 -12.60 -0.41 4.72
CA GLN A 273 -11.81 -0.39 3.50
C GLN A 273 -10.49 0.35 3.65
N CYS A 274 -10.11 0.75 4.86
CA CYS A 274 -8.80 1.36 5.09
C CYS A 274 -8.35 0.97 6.49
N GLY A 275 -7.72 -0.19 6.60
CA GLY A 275 -7.26 -0.72 7.86
C GLY A 275 -6.01 -1.56 7.74
N HIS A 276 -5.75 -2.40 8.74
CA HIS A 276 -4.57 -3.24 8.74
C HIS A 276 -4.84 -4.62 9.33
N TYR A 277 -4.53 -5.65 8.55
CA TYR A 277 -4.73 -7.03 8.97
C TYR A 277 -3.45 -7.58 9.62
N THR A 278 -3.62 -8.26 10.76
CA THR A 278 -2.57 -9.10 11.32
C THR A 278 -3.13 -10.48 11.59
N HIS A 279 -2.28 -11.49 11.46
CA HIS A 279 -2.68 -12.87 11.58
C HIS A 279 -2.36 -13.40 12.98
N ILE A 280 -3.29 -14.17 13.54
CA ILE A 280 -3.13 -14.79 14.84
C ILE A 280 -3.16 -16.30 14.64
N THR A 281 -2.14 -16.99 15.16
CA THR A 281 -2.06 -18.44 15.05
C THR A 281 -1.72 -19.04 16.40
N ALA A 282 -2.25 -20.23 16.64
CA ALA A 282 -2.08 -20.95 17.90
C ALA A 282 -1.17 -22.15 17.66
N LYS A 283 -0.08 -22.23 18.43
CA LYS A 283 0.82 -23.39 18.41
C LYS A 283 1.19 -23.73 19.83
N GLU A 284 2.45 -23.48 20.21
CA GLU A 284 2.86 -23.62 21.61
C GLU A 284 2.35 -22.45 22.43
N THR A 285 2.25 -21.28 21.80
CA THR A 285 1.70 -20.07 22.41
C THR A 285 1.07 -19.28 21.28
N LEU A 286 0.24 -18.30 21.65
CA LEU A 286 -0.40 -17.46 20.65
C LEU A 286 0.64 -16.57 19.97
N TYR A 287 0.67 -16.62 18.64
CA TYR A 287 1.53 -15.78 17.83
C TYR A 287 0.71 -14.69 17.16
N ARG A 288 1.32 -13.52 16.99
CA ARG A 288 0.71 -12.41 16.26
C ARG A 288 1.70 -12.03 15.16
N ILE A 289 1.43 -12.48 13.94
CA ILE A 289 2.32 -12.27 12.81
C ILE A 289 1.82 -11.05 12.03
N ASP A 290 2.57 -9.95 12.13
CA ASP A 290 2.28 -8.74 11.38
C ASP A 290 3.32 -8.60 10.26
N GLY A 291 3.19 -9.44 9.25
CA GLY A 291 4.14 -9.46 8.15
C GLY A 291 5.50 -9.99 8.53
N ALA A 292 6.47 -9.09 8.76
CA ALA A 292 7.81 -9.50 9.15
C ALA A 292 8.01 -9.52 10.66
N HIS A 293 7.14 -8.85 11.41
CA HIS A 293 7.24 -8.77 12.85
C HIS A 293 6.55 -9.96 13.51
N LEU A 294 7.17 -10.52 14.54
CA LEU A 294 6.65 -11.67 15.26
C LEU A 294 6.64 -11.36 16.75
N THR A 295 5.47 -11.36 17.36
CA THR A 295 5.31 -11.18 18.78
C THR A 295 4.47 -12.32 19.35
N LYS A 296 4.85 -12.79 20.54
CA LYS A 296 4.17 -13.88 21.20
C LYS A 296 3.48 -13.39 22.47
N MET A 297 2.35 -14.03 22.78
CA MET A 297 1.57 -13.70 23.97
C MET A 297 0.74 -14.92 24.33
N SER A 298 0.27 -14.93 25.59
CA SER A 298 -0.53 -16.05 26.07
C SER A 298 -2.01 -15.90 25.75
N GLU A 299 -2.53 -14.69 25.82
CA GLU A 299 -3.93 -14.41 25.54
C GLU A 299 -4.02 -13.12 24.74
N TYR A 300 -4.90 -13.09 23.75
CA TYR A 300 -5.10 -11.94 22.89
C TYR A 300 -6.56 -11.53 22.92
N LYS A 301 -6.79 -10.23 23.18
CA LYS A 301 -8.13 -9.65 23.11
C LYS A 301 -8.06 -8.41 22.23
N GLY A 302 -8.65 -8.50 21.05
CA GLY A 302 -8.65 -7.40 20.11
C GLY A 302 -9.74 -7.59 19.06
N PRO A 303 -9.83 -6.66 18.11
CA PRO A 303 -10.86 -6.77 17.09
C PRO A 303 -10.51 -7.80 16.03
N VAL A 304 -11.11 -8.98 16.12
CA VAL A 304 -10.89 -10.06 15.16
C VAL A 304 -12.12 -10.20 14.29
N THR A 305 -11.91 -10.52 13.01
CA THR A 305 -12.99 -10.64 12.05
C THR A 305 -13.21 -12.06 11.55
N ASP A 306 -12.15 -12.86 11.42
CA ASP A 306 -12.24 -14.21 10.90
C ASP A 306 -11.47 -15.16 11.81
N VAL A 307 -12.11 -16.26 12.18
CA VAL A 307 -11.50 -17.27 13.04
C VAL A 307 -11.66 -18.63 12.36
N PHE A 308 -10.57 -19.40 12.32
CA PHE A 308 -10.57 -20.71 11.70
C PHE A 308 -10.67 -21.80 12.77
N TYR A 309 -11.35 -22.89 12.41
CA TYR A 309 -11.48 -24.07 13.27
C TYR A 309 -11.20 -25.32 12.46
N LYS A 310 -10.49 -26.26 13.07
CA LYS A 310 -10.20 -27.55 12.46
C LYS A 310 -11.36 -28.50 12.72
N GLU A 311 -11.65 -29.34 11.74
CA GLU A 311 -12.80 -30.23 11.82
C GLU A 311 -12.58 -31.43 10.92
N THR A 312 -13.13 -32.57 11.34
CA THR A 312 -13.18 -33.77 10.51
C THR A 312 -14.59 -34.26 10.25
N SER A 313 -15.45 -34.22 11.27
CA SER A 313 -16.85 -34.61 11.17
C SER A 313 -17.56 -34.16 12.43
N TYR A 314 -18.85 -33.85 12.31
CA TYR A 314 -19.61 -33.36 13.46
C TYR A 314 -21.06 -33.79 13.33
N THR A 315 -21.67 -34.08 14.49
CA THR A 315 -23.09 -34.39 14.59
C THR A 315 -23.60 -33.82 15.90
N THR A 316 -24.77 -33.20 15.86
CA THR A 316 -25.31 -32.55 17.05
C THR A 316 -25.74 -33.58 18.08
N THR A 317 -25.77 -33.13 19.35
CA THR A 317 -26.17 -33.97 20.47
C THR A 317 -27.68 -33.97 20.67
N ILE A 318 -28.39 -32.95 20.17
CA ILE A 318 -29.83 -32.85 20.33
C ILE A 318 -30.53 -34.03 19.65
N ILE B 9 -21.89 0.72 -13.37
CA ILE B 9 -21.66 0.08 -12.08
C ILE B 9 -21.89 1.08 -10.96
N LYS B 10 -21.94 0.60 -9.72
CA LYS B 10 -22.19 1.45 -8.58
C LYS B 10 -20.97 2.31 -8.26
N VAL B 11 -21.18 3.61 -8.12
CA VAL B 11 -20.11 4.54 -7.78
C VAL B 11 -20.64 5.50 -6.73
N PHE B 12 -19.79 5.85 -5.76
CA PHE B 12 -20.11 6.87 -4.78
C PHE B 12 -19.40 8.17 -5.14
N THR B 13 -20.11 9.29 -5.00
CA THR B 13 -19.55 10.60 -5.24
C THR B 13 -20.04 11.56 -4.17
N THR B 14 -19.18 12.45 -3.73
CA THR B 14 -19.51 13.42 -2.69
C THR B 14 -19.26 14.84 -3.23
N VAL B 15 -20.03 15.79 -2.71
CA VAL B 15 -19.83 17.20 -3.03
C VAL B 15 -19.38 18.01 -1.82
N ASP B 16 -19.30 17.40 -0.64
CA ASP B 16 -18.91 18.09 0.57
C ASP B 16 -17.77 17.39 1.29
N ASN B 17 -17.30 16.25 0.77
CA ASN B 17 -16.26 15.43 1.38
C ASN B 17 -16.67 14.90 2.75
N THR B 18 -17.98 14.83 3.01
CA THR B 18 -18.48 14.30 4.28
C THR B 18 -19.72 13.45 4.04
N ASN B 19 -20.63 13.92 3.19
CA ASN B 19 -21.89 13.23 2.92
C ASN B 19 -21.80 12.59 1.54
N LEU B 20 -22.00 11.27 1.49
CA LEU B 20 -21.92 10.53 0.23
C LEU B 20 -23.25 10.54 -0.48
N HIS B 21 -23.19 10.55 -1.82
CA HIS B 21 -24.38 10.48 -2.68
C HIS B 21 -24.25 9.27 -3.59
N THR B 22 -25.09 8.28 -3.39
CA THR B 22 -25.12 7.10 -4.24
C THR B 22 -25.56 7.50 -5.65
N GLN B 23 -24.73 7.18 -6.64
CA GLN B 23 -24.97 7.60 -8.02
C GLN B 23 -24.66 6.45 -8.96
N LEU B 24 -25.25 6.53 -10.16
CA LEU B 24 -25.04 5.54 -11.21
C LEU B 24 -24.35 6.20 -12.40
N VAL B 25 -23.28 5.57 -12.87
CA VAL B 25 -22.50 6.06 -14.01
C VAL B 25 -22.61 5.05 -15.15
N ASP B 26 -22.41 5.55 -16.37
CA ASP B 26 -22.42 4.73 -17.56
C ASP B 26 -21.00 4.31 -17.94
N MET B 27 -20.92 3.24 -18.74
N MET B 27 -20.91 3.24 -18.73
CA MET B 27 -19.65 2.64 -19.12
CA MET B 27 -19.63 2.65 -19.12
C MET B 27 -19.05 3.26 -20.38
C MET B 27 -19.03 3.28 -20.36
N SER B 28 -19.72 4.23 -21.00
CA SER B 28 -19.27 4.78 -22.27
C SER B 28 -18.99 6.28 -22.25
N MET B 29 -19.23 6.97 -21.13
CA MET B 29 -19.01 8.39 -21.04
C MET B 29 -17.99 8.71 -19.95
N THR B 30 -17.13 9.68 -20.22
CA THR B 30 -16.07 10.05 -19.29
C THR B 30 -16.67 10.62 -18.01
N TYR B 31 -15.89 10.52 -16.93
CA TYR B 31 -16.32 11.07 -15.65
C TYR B 31 -16.64 12.56 -15.75
N GLY B 32 -15.97 13.28 -16.64
CA GLY B 32 -16.27 14.68 -16.84
C GLY B 32 -17.65 14.94 -17.40
N GLN B 33 -18.26 13.95 -18.05
CA GLN B 33 -19.60 14.09 -18.60
C GLN B 33 -20.69 13.76 -17.60
N HIS B 34 -20.35 13.09 -16.49
CA HIS B 34 -21.32 12.70 -15.48
C HIS B 34 -21.54 13.78 -14.42
N PHE B 35 -20.45 14.28 -13.83
CA PHE B 35 -20.55 15.27 -12.76
C PHE B 35 -19.57 16.42 -12.95
N GLY B 36 -19.02 16.57 -14.15
CA GLY B 36 -18.05 17.61 -14.40
C GLY B 36 -16.67 17.19 -13.97
N PRO B 37 -15.85 18.15 -13.54
CA PRO B 37 -14.50 17.83 -13.07
C PRO B 37 -14.55 16.82 -11.92
N THR B 38 -13.91 15.67 -12.13
CA THR B 38 -13.94 14.57 -11.19
C THR B 38 -12.51 14.19 -10.81
N TYR B 39 -12.32 13.89 -9.53
CA TYR B 39 -11.00 13.56 -8.99
C TYR B 39 -11.14 12.40 -8.02
N LEU B 40 -10.17 11.49 -8.03
CA LEU B 40 -10.22 10.31 -7.17
C LEU B 40 -8.86 10.09 -6.52
N ASP B 41 -8.83 10.14 -5.19
CA ASP B 41 -7.63 9.81 -4.41
C ASP B 41 -6.42 10.63 -4.86
N GLY B 42 -6.65 11.89 -5.18
CA GLY B 42 -5.57 12.77 -5.59
C GLY B 42 -5.16 12.65 -7.03
N ALA B 43 -6.01 12.09 -7.89
CA ALA B 43 -5.71 11.93 -9.31
C ALA B 43 -6.82 12.57 -10.12
N ASP B 44 -6.45 13.39 -11.11
CA ASP B 44 -7.43 14.02 -11.99
C ASP B 44 -8.00 12.95 -12.91
N VAL B 45 -9.20 12.47 -12.57
CA VAL B 45 -9.86 11.41 -13.33
C VAL B 45 -11.11 12.00 -13.97
N THR B 46 -10.92 13.09 -14.73
CA THR B 46 -12.03 13.79 -15.37
C THR B 46 -12.25 13.30 -16.80
N LYS B 47 -11.17 13.24 -17.59
CA LYS B 47 -11.25 12.76 -18.97
C LYS B 47 -11.10 11.25 -19.07
N VAL B 48 -11.27 10.52 -17.97
CA VAL B 48 -11.12 9.07 -17.94
C VAL B 48 -12.51 8.45 -17.89
N LYS B 49 -12.68 7.36 -18.66
CA LYS B 49 -13.92 6.62 -18.61
C LYS B 49 -13.91 5.62 -17.45
N PRO B 50 -15.07 5.32 -16.87
CA PRO B 50 -15.12 4.41 -15.72
C PRO B 50 -14.54 3.03 -16.04
N HIS B 51 -13.69 2.55 -15.16
CA HIS B 51 -13.06 1.23 -15.28
C HIS B 51 -13.78 0.24 -14.39
N VAL B 52 -13.55 -1.06 -14.66
CA VAL B 52 -14.23 -2.12 -13.93
C VAL B 52 -13.88 -2.08 -12.45
N ASN B 53 -12.60 -1.86 -12.13
CA ASN B 53 -12.15 -1.87 -10.74
C ASN B 53 -12.39 -0.55 -10.02
N HIS B 54 -13.40 0.22 -10.45
CA HIS B 54 -13.69 1.51 -9.85
C HIS B 54 -14.96 1.50 -9.00
N GLU B 55 -15.52 0.33 -8.72
CA GLU B 55 -16.74 0.27 -7.93
C GLU B 55 -16.45 0.57 -6.46
N GLY B 56 -17.44 1.17 -5.79
CA GLY B 56 -17.36 1.43 -4.37
C GLY B 56 -16.44 2.56 -3.95
N LYS B 57 -15.74 3.20 -4.87
CA LYS B 57 -14.85 4.29 -4.52
C LYS B 57 -15.61 5.61 -4.51
N THR B 58 -15.11 6.56 -3.72
CA THR B 58 -15.73 7.88 -3.57
C THR B 58 -14.99 8.89 -4.44
N PHE B 59 -15.73 9.55 -5.32
CA PHE B 59 -15.16 10.58 -6.20
C PHE B 59 -15.56 11.96 -5.71
N PHE B 60 -14.67 12.92 -5.88
CA PHE B 60 -14.93 14.31 -5.53
C PHE B 60 -15.20 15.13 -6.78
N VAL B 61 -16.15 16.05 -6.68
CA VAL B 61 -16.58 16.89 -7.80
C VAL B 61 -16.30 18.36 -7.49
N LEU B 62 -15.97 19.12 -8.53
CA LEU B 62 -15.58 20.52 -8.45
C LEU B 62 -16.36 21.33 -9.49
N PRO B 63 -16.25 22.67 -9.50
CA PRO B 63 -16.91 23.49 -10.54
C PRO B 63 -16.73 22.97 -11.96
N SER B 70 -12.25 27.91 -7.21
CA SER B 70 -11.35 29.02 -7.48
C SER B 70 -10.71 29.52 -6.19
N GLU B 71 -10.08 30.70 -6.28
CA GLU B 71 -9.40 31.32 -5.14
C GLU B 71 -8.35 30.37 -4.55
N ALA B 72 -7.52 29.82 -5.43
CA ALA B 72 -6.51 28.83 -5.05
C ALA B 72 -5.12 29.41 -4.82
N PHE B 73 -4.71 30.40 -5.61
CA PHE B 73 -3.33 30.85 -5.54
C PHE B 73 -3.01 31.54 -4.21
N GLU B 74 -3.96 32.28 -3.65
CA GLU B 74 -3.66 33.08 -2.45
C GLU B 74 -3.31 32.19 -1.27
N TYR B 75 -3.97 31.05 -1.12
CA TYR B 75 -3.70 30.14 -0.01
C TYR B 75 -2.80 28.98 -0.38
N TYR B 76 -2.85 28.51 -1.63
CA TYR B 76 -2.12 27.32 -2.03
C TYR B 76 -0.91 27.58 -2.92
N HIS B 77 -0.74 28.81 -3.41
CA HIS B 77 0.43 29.19 -4.21
C HIS B 77 0.59 28.31 -5.45
N THR B 78 -0.48 28.16 -6.22
CA THR B 78 -0.46 27.35 -7.43
C THR B 78 -1.36 27.96 -8.48
N LEU B 79 -0.93 27.83 -9.74
CA LEU B 79 -1.75 28.15 -10.90
C LEU B 79 -2.41 26.90 -11.47
N ASP B 80 -2.33 25.77 -10.77
CA ASP B 80 -2.91 24.52 -11.25
C ASP B 80 -4.40 24.49 -10.97
N GLU B 81 -5.19 24.15 -11.99
CA GLU B 81 -6.63 24.06 -11.81
C GLU B 81 -7.02 22.80 -11.06
N SER B 82 -6.31 21.69 -11.30
CA SER B 82 -6.64 20.40 -10.72
C SER B 82 -6.11 20.23 -9.30
N PHE B 83 -5.48 21.26 -8.73
CA PHE B 83 -4.88 21.11 -7.41
C PHE B 83 -5.93 20.87 -6.34
N LEU B 84 -6.99 21.69 -6.33
CA LEU B 84 -8.02 21.56 -5.29
C LEU B 84 -8.69 20.20 -5.36
N GLY B 85 -9.03 19.73 -6.55
CA GLY B 85 -9.67 18.43 -6.68
C GLY B 85 -8.76 17.30 -6.21
N ARG B 86 -7.49 17.34 -6.59
CA ARG B 86 -6.54 16.34 -6.11
C ARG B 86 -6.35 16.45 -4.60
N TYR B 87 -6.40 17.67 -4.06
CA TYR B 87 -6.27 17.85 -2.62
C TYR B 87 -7.52 17.35 -1.89
N MET B 88 -8.70 17.63 -2.43
CA MET B 88 -9.93 17.22 -1.76
C MET B 88 -10.17 15.72 -1.88
N SER B 89 -9.78 15.12 -3.00
CA SER B 89 -9.96 13.68 -3.17
C SER B 89 -9.01 12.90 -2.28
N ALA B 90 -7.75 13.36 -2.17
CA ALA B 90 -6.82 12.71 -1.26
C ALA B 90 -7.21 12.95 0.19
N LEU B 91 -7.89 14.05 0.47
CA LEU B 91 -8.35 14.31 1.83
C LEU B 91 -9.41 13.29 2.26
N ASN B 92 -10.25 12.86 1.32
CA ASN B 92 -11.26 11.86 1.64
C ASN B 92 -10.65 10.55 2.11
N HIS B 93 -9.48 10.19 1.60
CA HIS B 93 -8.82 8.96 1.98
C HIS B 93 -7.92 9.13 3.21
N THR B 94 -7.30 10.30 3.37
CA THR B 94 -6.43 10.53 4.52
C THR B 94 -7.20 10.74 5.81
N LYS B 95 -8.50 11.02 5.73
CA LYS B 95 -9.32 11.11 6.94
C LYS B 95 -9.47 9.77 7.64
N LYS B 96 -9.30 8.65 6.93
CA LYS B 96 -9.44 7.34 7.52
C LYS B 96 -8.20 6.89 8.27
N TRP B 97 -7.06 7.56 8.07
CA TRP B 97 -5.83 7.15 8.71
C TRP B 97 -5.78 7.64 10.15
N LYS B 98 -4.98 6.95 10.95
CA LYS B 98 -4.75 7.32 12.35
C LYS B 98 -3.37 7.95 12.50
N PHE B 99 -3.30 8.98 13.35
CA PHE B 99 -2.08 9.75 13.57
C PHE B 99 -1.70 9.67 15.04
N PRO B 100 -1.03 8.59 15.46
CA PRO B 100 -0.64 8.46 16.86
C PRO B 100 0.65 9.21 17.15
N GLN B 101 0.68 9.91 18.27
CA GLN B 101 1.90 10.57 18.72
C GLN B 101 2.89 9.51 19.22
N VAL B 102 4.02 9.41 18.53
CA VAL B 102 5.04 8.40 18.83
C VAL B 102 6.33 9.13 19.17
N GLY B 103 6.82 8.93 20.39
CA GLY B 103 8.04 9.60 20.82
C GLY B 103 7.91 11.10 20.86
N GLY B 104 6.74 11.63 21.19
CA GLY B 104 6.50 13.05 21.18
C GLY B 104 6.19 13.65 19.83
N LEU B 105 6.42 12.91 18.75
CA LEU B 105 6.17 13.38 17.40
C LEU B 105 4.93 12.67 16.83
N THR B 106 4.25 13.34 15.90
CA THR B 106 3.05 12.80 15.29
C THR B 106 3.44 11.97 14.07
N SER B 107 3.05 10.70 14.06
CA SER B 107 3.32 9.78 12.97
C SER B 107 2.00 9.28 12.40
N ILE B 108 2.09 8.28 11.51
CA ILE B 108 0.92 7.69 10.86
C ILE B 108 1.07 6.18 10.87
N LYS B 109 -0.02 5.48 11.18
CA LYS B 109 -0.02 4.03 11.08
C LYS B 109 -0.09 3.61 9.61
N TRP B 110 0.55 2.49 9.28
CA TRP B 110 0.68 2.07 7.89
C TRP B 110 -0.69 1.88 7.24
N ALA B 111 -0.89 2.54 6.11
CA ALA B 111 -2.10 2.40 5.31
C ALA B 111 -1.88 3.01 3.92
N ASP B 112 -2.10 2.21 2.88
CA ASP B 112 -2.00 2.68 1.50
C ASP B 112 -0.60 3.21 1.18
N ASN B 113 0.41 2.48 1.65
CA ASN B 113 1.81 2.78 1.34
C ASN B 113 2.21 4.20 1.73
N ASN B 114 1.79 4.64 2.91
CA ASN B 114 2.20 5.96 3.39
C ASN B 114 3.50 5.85 4.18
N OCS B 115 4.32 4.86 3.83
CA OCS B 115 5.60 4.64 4.49
CB OCS B 115 6.31 3.41 3.90
SG OCS B 115 5.36 1.88 3.92
C OCS B 115 6.49 5.87 4.37
O OCS B 115 7.23 6.21 5.28
OD1 OCS B 115 6.21 0.78 3.63
OD2 OCS B 115 4.76 1.69 5.19
OD3 OCS B 115 4.34 1.93 2.94
N TYR B 116 6.39 6.53 3.22
CA TYR B 116 7.22 7.70 2.92
C TYR B 116 6.61 9.00 3.45
N LEU B 117 5.28 9.09 3.44
CA LEU B 117 4.62 10.29 3.93
C LEU B 117 4.89 10.51 5.42
N SER B 118 4.90 9.42 6.19
CA SER B 118 5.23 9.55 7.61
C SER B 118 6.66 10.04 7.81
N SER B 119 7.61 9.48 7.05
CA SER B 119 9.00 9.89 7.20
C SER B 119 9.18 11.37 6.88
N VAL B 120 8.41 11.89 5.92
CA VAL B 120 8.48 13.32 5.61
C VAL B 120 7.90 14.14 6.75
N LEU B 121 6.74 13.72 7.28
CA LEU B 121 6.12 14.46 8.38
C LEU B 121 6.99 14.44 9.63
N LEU B 122 7.63 13.31 9.91
CA LEU B 122 8.51 13.22 11.08
C LEU B 122 9.75 14.09 10.91
N ALA B 123 10.27 14.19 9.68
CA ALA B 123 11.47 14.99 9.44
C ALA B 123 11.18 16.47 9.57
N LEU B 124 10.00 16.92 9.15
CA LEU B 124 9.67 18.34 9.21
C LEU B 124 9.51 18.83 10.64
N GLN B 125 9.12 17.94 11.56
CA GLN B 125 8.92 18.35 12.95
C GLN B 125 10.24 18.62 13.65
N GLN B 126 11.36 18.14 13.12
CA GLN B 126 12.66 18.33 13.75
C GLN B 126 13.50 19.42 13.10
N ILE B 127 13.25 19.73 11.84
CA ILE B 127 13.98 20.79 11.14
C ILE B 127 13.24 22.10 11.36
N GLU B 128 14.01 23.18 11.51
CA GLU B 128 13.45 24.51 11.69
C GLU B 128 13.12 25.07 10.31
N VAL B 129 11.93 24.75 9.83
CA VAL B 129 11.46 25.19 8.52
C VAL B 129 10.09 25.83 8.68
N LYS B 130 9.78 26.76 7.78
CA LYS B 130 8.50 27.44 7.77
C LYS B 130 8.05 27.58 6.32
N PHE B 131 6.74 27.48 6.11
CA PHE B 131 6.19 27.49 4.76
C PHE B 131 5.58 28.84 4.44
N ASN B 132 5.83 29.31 3.21
CA ASN B 132 5.29 30.59 2.77
C ASN B 132 3.80 30.50 2.48
N ALA B 133 3.34 29.36 1.98
CA ALA B 133 1.92 29.19 1.68
C ALA B 133 1.12 29.17 2.97
N PRO B 134 0.05 29.98 3.09
CA PRO B 134 -0.74 29.96 4.32
C PRO B 134 -1.42 28.63 4.59
N ALA B 135 -1.83 27.90 3.54
CA ALA B 135 -2.50 26.61 3.74
C ALA B 135 -1.56 25.58 4.35
N LEU B 136 -0.31 25.56 3.91
CA LEU B 136 0.66 24.61 4.47
C LEU B 136 0.92 24.90 5.94
N GLN B 137 1.11 26.19 6.28
CA GLN B 137 1.35 26.56 7.66
C GLN B 137 0.15 26.21 8.54
N GLU B 138 -1.05 26.30 7.99
CA GLU B 138 -2.24 25.91 8.74
C GLU B 138 -2.23 24.41 9.02
N ALA B 139 -1.98 23.60 8.00
CA ALA B 139 -1.98 22.15 8.19
C ALA B 139 -0.76 21.67 8.96
N TYR B 140 0.40 22.31 8.76
CA TYR B 140 1.60 21.88 9.46
C TYR B 140 1.50 22.09 10.97
N TYR B 141 0.85 23.18 11.39
CA TYR B 141 0.63 23.37 12.83
C TYR B 141 -0.34 22.34 13.38
N ARG B 142 -1.42 22.07 12.65
CA ARG B 142 -2.38 21.05 13.08
C ARG B 142 -1.76 19.66 13.06
N ALA B 143 -0.79 19.42 12.18
CA ALA B 143 -0.14 18.12 12.14
C ALA B 143 0.68 17.86 13.39
N ARG B 144 1.23 18.90 14.00
CA ARG B 144 1.94 18.72 15.27
C ARG B 144 0.98 18.58 16.44
N ALA B 145 -0.20 19.19 16.34
CA ALA B 145 -1.21 19.06 17.38
C ALA B 145 -1.91 17.71 17.34
N GLY B 146 -1.81 16.99 16.22
CA GLY B 146 -2.42 15.66 16.12
C GLY B 146 -3.33 15.51 14.93
N ASP B 147 -3.77 16.63 14.35
CA ASP B 147 -4.67 16.62 13.20
C ASP B 147 -3.84 16.79 11.93
N ALA B 148 -3.38 15.67 11.38
CA ALA B 148 -2.51 15.67 10.21
C ALA B 148 -3.19 15.14 8.96
N ALA B 149 -4.52 15.09 8.95
CA ALA B 149 -5.23 14.60 7.78
C ALA B 149 -5.14 15.58 6.62
N ASN B 150 -5.22 16.88 6.92
CA ASN B 150 -5.16 17.89 5.86
C ASN B 150 -3.74 18.02 5.29
N PHE B 151 -2.73 17.85 6.13
CA PHE B 151 -1.35 18.01 5.67
C PHE B 151 -0.95 16.92 4.70
N CYS B 152 -1.39 15.69 4.95
CA CYS B 152 -1.05 14.59 4.04
C CYS B 152 -1.71 14.75 2.68
N ALA B 153 -2.93 15.29 2.66
CA ALA B 153 -3.62 15.50 1.39
C ALA B 153 -2.91 16.56 0.55
N LEU B 154 -2.37 17.60 1.20
CA LEU B 154 -1.67 18.64 0.47
C LEU B 154 -0.37 18.11 -0.16
N ILE B 155 0.35 17.24 0.57
CA ILE B 155 1.61 16.71 0.06
C ILE B 155 1.39 15.92 -1.23
N LEU B 156 0.34 15.10 -1.26
CA LEU B 156 0.04 14.35 -2.47
C LEU B 156 -0.36 15.27 -3.61
N ALA B 157 -0.96 16.42 -3.30
CA ALA B 157 -1.34 17.37 -4.33
C ALA B 157 -0.12 18.13 -4.87
N TYR B 158 0.76 18.59 -3.98
CA TYR B 158 1.96 19.28 -4.41
C TYR B 158 2.92 18.38 -5.15
N SER B 159 2.83 17.06 -4.95
CA SER B 159 3.69 16.11 -5.61
C SER B 159 3.00 15.37 -6.75
N ASN B 160 1.73 15.67 -7.01
CA ASN B 160 0.94 15.02 -8.05
C ASN B 160 0.98 13.49 -7.88
N LYS B 161 0.66 13.04 -6.67
CA LYS B 161 0.67 11.64 -6.31
C LYS B 161 -0.75 11.15 -6.03
N THR B 162 -0.90 9.83 -5.95
CA THR B 162 -2.18 9.19 -5.71
C THR B 162 -2.10 8.33 -4.46
N VAL B 163 -3.19 8.30 -3.69
CA VAL B 163 -3.23 7.50 -2.47
C VAL B 163 -3.06 6.03 -2.82
N GLY B 164 -2.15 5.37 -2.11
CA GLY B 164 -1.87 3.96 -2.32
C GLY B 164 -0.58 3.68 -3.07
N GLU B 165 -0.10 4.63 -3.87
CA GLU B 165 1.11 4.45 -4.66
C GLU B 165 2.32 4.89 -3.85
N LEU B 166 3.34 4.05 -3.83
CA LEU B 166 4.54 4.34 -3.06
C LEU B 166 5.31 5.49 -3.71
N GLY B 167 5.76 6.44 -2.89
CA GLY B 167 6.53 7.57 -3.38
C GLY B 167 7.89 7.70 -2.74
N ASP B 168 8.79 8.45 -3.37
CA ASP B 168 10.12 8.67 -2.85
C ASP B 168 10.12 9.86 -1.88
N VAL B 169 10.86 9.72 -0.79
CA VAL B 169 10.91 10.79 0.21
C VAL B 169 11.67 11.99 -0.34
N ARG B 170 12.83 11.75 -0.95
CA ARG B 170 13.63 12.85 -1.48
C ARG B 170 12.90 13.60 -2.59
N GLU B 171 12.21 12.87 -3.47
CA GLU B 171 11.48 13.52 -4.55
C GLU B 171 10.29 14.32 -4.02
N THR B 172 9.55 13.77 -3.06
CA THR B 172 8.39 14.48 -2.54
C THR B 172 8.82 15.67 -1.67
N MET B 173 9.96 15.58 -1.01
CA MET B 173 10.48 16.72 -0.25
C MET B 173 10.89 17.86 -1.17
N THR B 174 11.33 17.53 -2.40
CA THR B 174 11.73 18.58 -3.33
C THR B 174 10.53 19.42 -3.76
N HIS B 175 9.45 18.77 -4.16
CA HIS B 175 8.22 19.49 -4.51
C HIS B 175 7.68 20.25 -3.31
N LEU B 176 7.87 19.71 -2.11
CA LEU B 176 7.33 20.35 -0.90
C LEU B 176 8.16 21.56 -0.49
N LEU B 177 9.49 21.43 -0.49
CA LEU B 177 10.35 22.53 -0.08
C LEU B 177 10.37 23.70 -1.07
N GLN B 178 9.81 23.53 -2.26
CA GLN B 178 9.68 24.65 -3.19
C GLN B 178 8.74 25.72 -2.65
N HIS B 179 7.89 25.38 -1.69
CA HIS B 179 6.96 26.33 -1.08
C HIS B 179 7.42 26.78 0.30
N ALA B 180 8.62 26.38 0.71
CA ALA B 180 9.18 26.76 2.00
C ALA B 180 10.02 28.03 1.86
N ASN B 181 10.31 28.65 3.01
CA ASN B 181 11.08 29.90 3.02
C ASN B 181 12.56 29.55 2.85
N LEU B 182 13.00 29.50 1.60
CA LEU B 182 14.39 29.21 1.29
C LEU B 182 15.01 30.32 0.46
N GLU B 183 14.55 31.56 0.68
CA GLU B 183 15.14 32.69 -0.02
C GLU B 183 16.53 33.00 0.52
N SER B 184 16.72 32.86 1.83
CA SER B 184 18.00 33.08 2.47
C SER B 184 18.88 31.84 2.45
N ALA B 185 18.46 30.78 1.75
CA ALA B 185 19.26 29.57 1.65
C ALA B 185 20.34 29.75 0.60
N LYS B 186 21.58 29.45 0.97
CA LYS B 186 22.72 29.67 0.10
C LYS B 186 23.72 28.53 0.25
N ARG B 187 24.15 27.97 -0.87
CA ARG B 187 25.17 26.93 -0.90
C ARG B 187 26.21 27.31 -1.94
N VAL B 188 27.47 27.33 -1.53
CA VAL B 188 28.59 27.68 -2.40
C VAL B 188 29.51 26.47 -2.49
N LEU B 189 29.67 25.92 -3.69
CA LEU B 189 30.48 24.73 -3.93
C LEU B 189 31.63 25.09 -4.86
N ASN B 190 32.84 24.66 -4.50
CA ASN B 190 34.03 24.85 -5.32
C ASN B 190 34.39 23.54 -6.00
N LEU B 191 34.31 23.53 -7.33
CA LEU B 191 34.69 22.37 -8.13
C LEU B 191 36.13 22.53 -8.59
N VAL B 192 36.93 21.49 -8.36
CA VAL B 192 38.38 21.54 -8.61
C VAL B 192 38.70 20.45 -9.62
N CYS B 193 38.83 20.83 -10.88
CA CYS B 193 39.31 19.93 -11.93
C CYS B 193 40.81 20.19 -12.09
N LYS B 194 41.61 19.15 -11.85
CA LYS B 194 43.05 19.32 -11.72
C LYS B 194 43.75 19.76 -13.00
N HIS B 195 43.05 19.78 -14.13
CA HIS B 195 43.65 20.17 -15.39
C HIS B 195 42.87 21.27 -16.12
N CYS B 196 41.80 21.79 -15.53
CA CYS B 196 40.99 22.83 -16.15
C CYS B 196 40.79 24.02 -15.21
N GLY B 197 41.58 24.12 -14.14
CA GLY B 197 41.42 25.20 -13.18
C GLY B 197 40.30 24.92 -12.19
N GLN B 198 39.73 25.99 -11.64
CA GLN B 198 38.64 25.88 -10.69
C GLN B 198 37.62 26.99 -10.90
N LYS B 199 36.33 26.63 -10.82
CA LYS B 199 35.24 27.60 -10.86
C LYS B 199 34.29 27.29 -9.70
N THR B 200 33.56 28.32 -9.28
CA THR B 200 32.72 28.22 -8.09
C THR B 200 31.28 28.55 -8.46
N THR B 201 30.38 27.59 -8.22
CA THR B 201 28.95 27.78 -8.45
C THR B 201 28.22 28.08 -7.14
N THR B 202 27.05 28.69 -7.26
CA THR B 202 26.23 29.09 -6.12
C THR B 202 24.79 28.65 -6.33
N LEU B 203 24.26 27.89 -5.39
CA LEU B 203 22.88 27.43 -5.40
C LEU B 203 22.07 28.16 -4.33
N MET B 204 20.78 28.32 -4.59
CA MET B 204 19.88 29.00 -3.67
C MET B 204 18.52 28.33 -3.68
N GLY B 205 17.90 28.25 -2.50
CA GLY B 205 16.59 27.62 -2.37
C GLY B 205 16.65 26.14 -2.04
N VAL B 206 15.80 25.35 -2.71
CA VAL B 206 15.79 23.91 -2.46
C VAL B 206 17.12 23.28 -2.82
N GLU B 207 17.76 23.79 -3.88
CA GLU B 207 19.04 23.25 -4.31
C GLU B 207 20.14 23.53 -3.30
N ALA B 208 19.99 24.58 -2.48
CA ALA B 208 20.97 24.90 -1.45
C ALA B 208 20.85 24.02 -0.23
N VAL B 209 19.76 23.25 -0.10
CA VAL B 209 19.54 22.40 1.06
C VAL B 209 19.82 20.94 0.74
N MET B 210 19.38 20.47 -0.42
CA MET B 210 19.47 19.05 -0.77
C MET B 210 20.78 18.75 -1.49
N TYR B 211 21.19 17.48 -1.40
CA TYR B 211 22.36 17.00 -2.13
C TYR B 211 22.24 15.49 -2.29
N MET B 212 22.74 15.00 -3.43
CA MET B 212 22.68 13.58 -3.78
C MET B 212 24.09 13.08 -4.07
N GLY B 213 24.43 11.91 -3.50
CA GLY B 213 25.71 11.31 -3.75
C GLY B 213 26.35 10.64 -2.55
N THR B 214 26.38 11.32 -1.42
CA THR B 214 26.95 10.79 -0.19
C THR B 214 26.00 11.00 0.97
N LEU B 215 26.10 10.14 1.98
CA LEU B 215 25.33 10.28 3.20
C LEU B 215 26.08 11.04 4.28
N SER B 216 27.39 11.18 4.15
CA SER B 216 28.22 11.81 5.18
C SER B 216 28.37 13.28 4.84
N TYR B 217 27.97 14.15 5.78
CA TYR B 217 28.20 15.58 5.61
C TYR B 217 29.69 15.91 5.66
N ASP B 218 30.45 15.17 6.45
CA ASP B 218 31.89 15.42 6.54
C ASP B 218 32.59 15.16 5.22
N GLU B 219 32.06 14.24 4.40
CA GLU B 219 32.62 14.02 3.07
C GLU B 219 32.38 15.22 2.17
N LEU B 220 31.23 15.88 2.31
CA LEU B 220 30.97 17.09 1.53
C LEU B 220 31.91 18.22 1.93
N LYS B 221 32.20 18.35 3.23
CA LYS B 221 33.11 19.40 3.67
C LYS B 221 34.55 19.11 3.30
N ALA B 222 34.93 17.82 3.28
CA ALA B 222 36.29 17.45 2.94
C ALA B 222 36.48 17.39 1.42
N GLY B 223 35.56 16.74 0.72
CA GLY B 223 35.65 16.64 -0.72
C GLY B 223 35.05 15.37 -1.28
N VAL B 224 34.21 15.51 -2.30
CA VAL B 224 33.58 14.38 -2.95
C VAL B 224 33.93 14.41 -4.44
N SER B 225 33.87 13.24 -5.07
CA SER B 225 34.24 13.10 -6.47
C SER B 225 33.01 13.22 -7.35
N ILE B 226 33.11 14.03 -8.39
CA ILE B 226 32.05 14.19 -9.39
C ILE B 226 32.73 14.46 -10.73
N PRO B 227 32.29 13.81 -11.81
CA PRO B 227 32.95 14.00 -13.11
C PRO B 227 32.85 15.43 -13.61
N CYS B 228 33.98 15.94 -14.10
CA CYS B 228 34.00 17.25 -14.73
C CYS B 228 33.32 17.18 -16.10
N VAL B 229 32.98 18.36 -16.63
CA VAL B 229 32.20 18.41 -17.87
C VAL B 229 32.97 17.79 -19.02
N CYS B 230 34.28 18.00 -19.06
CA CYS B 230 35.15 17.41 -20.07
C CYS B 230 35.47 15.95 -19.79
N GLY B 231 34.81 15.34 -18.81
CA GLY B 231 35.07 13.97 -18.45
C GLY B 231 35.94 13.87 -17.21
N ARG B 232 36.62 12.73 -17.10
CA ARG B 232 37.58 12.45 -16.02
C ARG B 232 36.84 12.51 -14.69
N ASP B 233 37.49 13.01 -13.63
CA ASP B 233 36.89 13.11 -12.30
C ASP B 233 37.45 14.36 -11.64
N ALA B 234 36.59 15.09 -10.94
CA ALA B 234 37.00 16.29 -10.21
C ALA B 234 36.56 16.18 -8.76
N THR B 235 37.13 17.05 -7.93
CA THR B 235 36.85 17.09 -6.50
C THR B 235 36.06 18.34 -6.17
N GLN B 236 35.05 18.20 -5.32
CA GLN B 236 34.20 19.32 -4.92
C GLN B 236 34.03 19.31 -3.41
N TYR B 237 34.07 20.50 -2.81
CA TYR B 237 33.91 20.64 -1.37
C TYR B 237 33.03 21.85 -1.08
N LEU B 238 32.44 21.86 0.11
CA LEU B 238 31.55 22.94 0.51
C LEU B 238 32.37 24.16 0.95
N VAL B 239 31.99 25.33 0.44
CA VAL B 239 32.65 26.58 0.78
C VAL B 239 31.79 27.42 1.72
N GLN B 240 30.53 27.64 1.36
CA GLN B 240 29.61 28.45 2.16
C GLN B 240 28.26 27.75 2.22
N GLN B 241 27.67 27.71 3.41
CA GLN B 241 26.35 27.15 3.62
C GLN B 241 25.58 28.05 4.57
N GLU B 242 24.51 28.67 4.07
CA GLU B 242 23.67 29.58 4.86
C GLU B 242 22.24 29.08 4.82
N SER B 243 21.96 28.04 5.59
CA SER B 243 20.64 27.43 5.66
C SER B 243 20.36 27.04 7.11
N SER B 244 19.11 26.68 7.38
CA SER B 244 18.71 26.21 8.70
C SER B 244 18.93 24.71 8.88
N PHE B 245 19.16 23.98 7.80
CA PHE B 245 19.38 22.54 7.84
C PHE B 245 19.85 22.10 6.46
N VAL B 246 20.40 20.89 6.39
CA VAL B 246 20.81 20.28 5.13
C VAL B 246 20.28 18.86 5.08
N MET B 247 20.00 18.40 3.87
CA MET B 247 19.48 17.05 3.63
C MET B 247 20.45 16.31 2.72
N MET B 248 21.10 15.29 3.26
CA MET B 248 22.00 14.44 2.48
C MET B 248 21.24 13.20 2.04
N SER B 249 21.44 12.81 0.78
CA SER B 249 20.73 11.67 0.22
C SER B 249 21.70 10.81 -0.58
N ALA B 250 21.33 9.54 -0.73
CA ALA B 250 22.12 8.55 -1.45
C ALA B 250 21.28 7.29 -1.60
N PRO B 251 21.64 6.41 -2.54
CA PRO B 251 20.95 5.11 -2.66
C PRO B 251 21.14 4.29 -1.39
N PRO B 252 20.28 3.29 -1.17
CA PRO B 252 20.38 2.50 0.07
C PRO B 252 21.71 1.73 0.14
N ALA B 253 22.38 1.86 1.28
CA ALA B 253 23.62 1.13 1.52
C ALA B 253 23.87 1.07 3.01
N GLU B 254 24.59 0.03 3.44
CA GLU B 254 24.93 -0.12 4.85
C GLU B 254 25.78 1.05 5.32
N TYR B 255 25.39 1.64 6.44
CA TYR B 255 26.03 2.88 6.89
C TYR B 255 25.83 2.99 8.40
N LYS B 256 26.91 3.33 9.11
CA LYS B 256 26.86 3.43 10.57
C LYS B 256 26.31 4.79 10.98
N LEU B 257 25.38 4.77 11.94
CA LEU B 257 24.75 5.99 12.46
C LEU B 257 25.17 6.17 13.91
N GLN B 258 26.04 7.15 14.16
CA GLN B 258 26.49 7.46 15.51
C GLN B 258 25.60 8.53 16.12
N GLN B 259 25.30 8.40 17.40
CA GLN B 259 24.44 9.37 18.07
C GLN B 259 25.19 10.69 18.27
N GLY B 260 24.47 11.79 18.06
CA GLY B 260 25.02 13.12 18.22
C GLY B 260 25.65 13.69 16.97
N THR B 261 26.01 12.85 15.99
CA THR B 261 26.63 13.33 14.76
C THR B 261 25.60 13.84 13.75
N PHE B 262 24.34 13.43 13.88
CA PHE B 262 23.29 13.81 12.94
C PHE B 262 22.04 14.17 13.70
N LEU B 263 21.03 14.64 12.96
CA LEU B 263 19.73 15.00 13.53
C LEU B 263 18.72 13.87 13.38
N CYS B 264 18.40 13.52 12.13
CA CYS B 264 17.49 12.41 11.84
C CYS B 264 17.88 11.81 10.49
N ALA B 265 17.28 10.68 10.18
CA ALA B 265 17.59 9.97 8.94
C ALA B 265 16.39 9.10 8.56
N ASN B 266 16.45 8.55 7.35
CA ASN B 266 15.41 7.67 6.85
C ASN B 266 16.08 6.47 6.18
N GLU B 267 15.60 5.27 6.48
CA GLU B 267 16.12 4.06 5.86
C GLU B 267 15.12 3.49 4.92
N TYR B 268 15.54 2.55 4.13
CA TYR B 268 14.68 1.98 3.09
C TYR B 268 15.11 0.56 2.80
N THR B 269 14.25 -0.41 3.13
CA THR B 269 14.50 -1.81 2.86
C THR B 269 13.52 -2.31 1.79
N GLY B 270 14.06 -2.89 0.73
CA GLY B 270 13.28 -3.41 -0.37
C GLY B 270 13.86 -3.01 -1.70
N ASN B 271 13.23 -3.51 -2.76
CA ASN B 271 13.70 -3.23 -4.11
C ASN B 271 13.37 -1.79 -4.51
N TYR B 272 13.79 -1.42 -5.71
CA TYR B 272 13.52 -0.09 -6.25
C TYR B 272 12.02 0.07 -6.50
N GLN B 273 11.45 1.16 -5.98
CA GLN B 273 10.04 1.53 -6.12
C GLN B 273 9.10 0.56 -5.40
N CYS B 274 9.61 -0.38 -4.62
CA CYS B 274 8.78 -1.27 -3.81
C CYS B 274 9.54 -1.60 -2.53
N GLY B 275 9.38 -0.74 -1.52
CA GLY B 275 10.06 -0.92 -0.26
C GLY B 275 9.29 -0.40 0.92
N HIS B 276 9.99 -0.13 2.02
CA HIS B 276 9.35 0.37 3.23
C HIS B 276 10.23 1.38 3.95
N TYR B 277 9.69 2.57 4.18
CA TYR B 277 10.42 3.62 4.87
C TYR B 277 10.14 3.54 6.36
N THR B 278 11.19 3.66 7.17
CA THR B 278 11.07 3.88 8.60
C THR B 278 11.87 5.10 8.98
N HIS B 279 11.39 5.81 9.99
CA HIS B 279 11.99 7.07 10.41
C HIS B 279 12.94 6.84 11.59
N ILE B 280 14.09 7.50 11.54
CA ILE B 280 15.09 7.45 12.60
C ILE B 280 15.30 8.87 13.11
N THR B 281 15.23 9.05 14.43
CA THR B 281 15.47 10.33 15.07
C THR B 281 16.44 10.13 16.21
N ALA B 282 17.33 11.12 16.41
CA ALA B 282 18.38 11.06 17.42
C ALA B 282 18.13 12.09 18.50
N LYS B 283 18.01 11.63 19.74
CA LYS B 283 17.89 12.50 20.90
C LYS B 283 18.68 11.93 22.07
N GLU B 284 17.98 11.39 23.07
CA GLU B 284 18.65 10.74 24.18
C GLU B 284 19.20 9.37 23.79
N THR B 285 18.52 8.68 22.87
CA THR B 285 18.97 7.42 22.31
C THR B 285 18.47 7.37 20.88
N LEU B 286 19.00 6.41 20.11
CA LEU B 286 18.52 6.23 18.74
C LEU B 286 17.10 5.65 18.76
N TYR B 287 16.18 6.31 18.06
CA TYR B 287 14.82 5.83 17.89
C TYR B 287 14.62 5.32 16.48
N ARG B 288 13.81 4.27 16.34
CA ARG B 288 13.42 3.73 15.04
C ARG B 288 11.90 3.72 14.98
N ILE B 289 11.32 4.72 14.31
CA ILE B 289 9.89 4.92 14.25
C ILE B 289 9.37 4.28 12.96
N ASP B 290 8.65 3.18 13.10
CA ASP B 290 8.01 2.51 11.98
C ASP B 290 6.51 2.79 12.05
N GLY B 291 6.15 4.04 11.75
CA GLY B 291 4.76 4.44 11.84
C GLY B 291 4.26 4.50 13.27
N ALA B 292 3.56 3.45 13.69
CA ALA B 292 3.06 3.36 15.05
C ALA B 292 4.02 2.64 15.99
N HIS B 293 5.00 1.91 15.46
CA HIS B 293 5.94 1.19 16.31
C HIS B 293 7.07 2.10 16.76
N LEU B 294 7.48 1.95 18.02
CA LEU B 294 8.57 2.71 18.59
C LEU B 294 9.54 1.72 19.24
N THR B 295 10.77 1.67 18.73
CA THR B 295 11.83 0.86 19.31
C THR B 295 13.07 1.72 19.51
N LYS B 296 13.76 1.50 20.62
CA LYS B 296 14.97 2.23 20.97
C LYS B 296 16.17 1.31 20.91
N MET B 297 17.32 1.88 20.52
CA MET B 297 18.54 1.10 20.39
C MET B 297 19.74 2.03 20.53
N SER B 298 20.91 1.42 20.77
CA SER B 298 22.15 2.17 20.94
C SER B 298 22.82 2.44 19.60
N GLU B 299 23.16 1.38 18.87
CA GLU B 299 23.82 1.49 17.57
C GLU B 299 22.87 1.08 16.46
N TYR B 300 23.14 1.58 15.26
CA TYR B 300 22.37 1.21 14.08
C TYR B 300 23.29 0.99 12.89
N LYS B 301 23.15 -0.17 12.24
CA LYS B 301 23.84 -0.49 10.99
C LYS B 301 22.78 -1.00 10.02
N GLY B 302 22.44 -0.18 9.03
CA GLY B 302 21.43 -0.58 8.07
C GLY B 302 21.44 0.27 6.81
N PRO B 303 20.54 -0.06 5.88
CA PRO B 303 20.47 0.70 4.62
C PRO B 303 19.72 2.02 4.76
N VAL B 304 20.44 3.13 4.82
CA VAL B 304 19.85 4.46 4.94
C VAL B 304 20.00 5.17 3.61
N THR B 305 18.99 5.97 3.26
CA THR B 305 18.97 6.71 2.01
C THR B 305 19.05 8.22 2.19
N ASP B 306 18.48 8.76 3.26
CA ASP B 306 18.46 10.19 3.50
C ASP B 306 18.90 10.45 4.93
N VAL B 307 19.85 11.36 5.11
CA VAL B 307 20.36 11.73 6.43
C VAL B 307 20.31 13.25 6.56
N PHE B 308 19.79 13.73 7.69
CA PHE B 308 19.68 15.16 7.96
C PHE B 308 20.78 15.63 8.91
N TYR B 309 21.23 16.86 8.70
CA TYR B 309 22.16 17.50 9.60
C TYR B 309 21.68 18.93 9.85
N LYS B 310 21.69 19.35 11.12
CA LYS B 310 21.30 20.71 11.45
C LYS B 310 22.51 21.63 11.40
N GLU B 311 22.30 22.83 10.88
CA GLU B 311 23.39 23.79 10.69
C GLU B 311 22.79 25.16 10.42
N THR B 312 23.56 26.20 10.75
CA THR B 312 23.20 27.59 10.42
C THR B 312 24.20 28.30 9.52
N SER B 313 25.50 28.02 9.65
CA SER B 313 26.51 28.68 8.82
C SER B 313 27.82 27.92 8.90
N TYR B 314 28.59 28.01 7.81
CA TYR B 314 29.85 27.27 7.67
C TYR B 314 30.81 28.06 6.80
N THR B 315 32.09 27.91 7.11
CA THR B 315 33.16 28.47 6.29
C THR B 315 34.32 27.48 6.30
N THR B 316 34.88 27.22 5.12
CA THR B 316 35.94 26.23 5.00
C THR B 316 37.23 26.76 5.62
N THR B 317 38.10 25.83 6.03
CA THR B 317 39.39 26.18 6.62
C THR B 317 40.48 26.41 5.58
N ILE B 318 40.35 25.82 4.40
CA ILE B 318 41.34 25.99 3.35
C ILE B 318 41.40 27.45 2.91
ZN ZN C . -40.89 -18.64 8.67
ZN ZN D . 5.30 -2.07 -4.22
C1 TTT E . -13.31 -4.22 5.37
C3 TTT E . -13.03 -4.12 3.87
C8 TTT E . -15.43 -4.12 8.39
C9 TTT E . -17.39 -5.85 7.37
C10 TTT E . -11.74 -3.97 3.40
C11 TTT E . -16.76 -3.83 8.58
C12 TTT E . -17.75 -4.70 8.06
C13 TTT E . -14.09 -4.19 2.98
C14 TTT E . -14.44 -3.25 8.90
C16 TTT E . -10.57 -3.91 4.37
C19 TTT E . -13.86 -4.10 1.61
C20 TTT E . -14.80 -2.10 9.61
C21 TTT E . -12.57 -3.95 1.15
C22 TTT E . -16.15 -1.81 9.80
O7 TTT E . -13.52 -3.24 5.99
C17 TTT E . -11.51 -3.89 2.03
N01 TTT E . -14.98 -4.17 0.69
N2 TTT E . -13.31 -5.51 6.03
C6 TTT E . -13.59 -5.61 7.45
C01 TTT E . -13.29 -7.04 7.93
C5 TTT E . -15.06 -5.29 7.68
C18 TTT E . -17.12 -2.66 9.30
C4 TTT E . -16.04 -6.14 7.17
C1 TTT F . 12.79 4.45 -4.32
C3 TTT F . 11.53 4.98 -4.99
C8 TTT F . 16.36 3.54 -4.17
C9 TTT F . 17.30 6.01 -5.08
C10 TTT F . 10.29 4.71 -4.45
C11 TTT F . 17.37 3.57 -5.09
C12 TTT F . 17.86 4.83 -5.56
C13 TTT F . 11.63 5.73 -6.15
C14 TTT F . 15.87 2.28 -3.70
C16 TTT F . 10.17 3.88 -3.17
C19 TTT F . 10.50 6.21 -6.76
C20 TTT F . 16.42 1.09 -4.17
C21 TTT F . 9.24 5.94 -6.23
C22 TTT F . 17.46 1.13 -5.12
O7 TTT F . 13.22 3.39 -4.62
C17 TTT F . 9.14 5.18 -5.07
N01 TTT F . 10.60 7.00 -7.98
N2 TTT F . 13.47 5.24 -3.29
C6 TTT F . 14.67 4.71 -2.66
C01 TTT F . 15.05 5.60 -1.47
C5 TTT F . 15.79 4.75 -3.68
C18 TTT F . 17.93 2.35 -5.57
C4 TTT F . 16.28 5.97 -4.14
ZN ZN G . 37.92 19.17 -16.64
ZN ZN H . -6.81 3.09 2.55
#